data_1LJ8
#
_entry.id   1LJ8
#
_cell.length_a   102.096
_cell.length_b   103.188
_cell.length_c   106.196
_cell.angle_alpha   90.00
_cell.angle_beta   90.00
_cell.angle_gamma   90.00
#
_symmetry.space_group_name_H-M   'I 2 2 2'
#
loop_
_entity.id
_entity.type
_entity.pdbx_description
1 polymer 'mannitol dehydrogenase'
2 non-polymer NICOTINAMIDE-ADENINE-DINUCLEOTIDE
3 water water
#
_entity_poly.entity_id   1
_entity_poly.type   'polypeptide(L)'
_entity_poly.pdbx_seq_one_letter_code
;(MSE)KLNKQNLTQLAPEVKLPAYTLADTRQGIAHIGVGGFHRAHQAYYTDAL(MSE)NTGEGLDWSICGVGLRSEDRKA
RDDLAGQDYLFTLYELGDTDDTEVRVIGSISD(MSE)LLAEDSAQALIDKLASPEIRIVSLTITEGGYCIDDSNGEF
(MSE)AHLPQIQHDLAHPSSPKTVFGFICAALTQRRAAGIPAFTV(MSE)SCDNLPHNGAVTRKALLAFAALHNAELHDW
IKAHVSFPNA(MSE)VDRITP(MSE)TSTAHRLQLHDEHGIDDAWPVVCEPFVQWVLEDKFVNGRPAWEKVGVQFTDDVT
PYEE(MSE)KIGLLNGSHLALTYLGFLKGYRFVHET(MSE)NDPLFVAY(MSE)RAY(MSE)DLDVTPNLAPVPGIDLTD
YKQTLVDRFSNQAIADQLERVCSDGSSKFPKFTVPTINRLIADGRETERAALVVAAWALYLKGVDENGVSYTIPDPRAEF
CQGLVSDDALISQRLLAVEEIFGTAIPNSPEFVAAFERCYGSLRDNGVTTTLKHLLKKPV
;
_entity_poly.pdbx_strand_id   A
#
loop_
_chem_comp.id
_chem_comp.type
_chem_comp.name
_chem_comp.formula
NAD non-polymer NICOTINAMIDE-ADENINE-DINUCLEOTIDE 'C21 H27 N7 O14 P2'
#
# COMPACT_ATOMS: atom_id res chain seq x y z
N MSE A 1 8.83 10.04 -28.49
CA MSE A 1 9.90 8.99 -28.53
C MSE A 1 9.63 7.83 -27.56
O MSE A 1 9.52 8.05 -26.35
CB MSE A 1 11.25 9.58 -28.18
CG MSE A 1 12.40 8.57 -28.33
SE MSE A 1 12.78 8.18 -30.28
CE MSE A 1 13.40 9.97 -30.76
N LYS A 2 9.62 6.59 -28.09
CA LYS A 2 9.39 5.40 -27.25
C LYS A 2 10.55 5.17 -26.27
N LEU A 3 10.21 4.99 -25.00
CA LEU A 3 11.25 4.71 -24.01
C LEU A 3 11.77 3.28 -24.16
N ASN A 4 13.08 3.17 -24.42
CA ASN A 4 13.77 1.91 -24.46
C ASN A 4 15.29 2.16 -24.45
N LYS A 5 16.07 1.12 -24.38
CA LYS A 5 17.51 1.35 -24.33
C LYS A 5 18.03 1.99 -25.59
N GLN A 6 17.44 1.61 -26.71
CA GLN A 6 17.87 2.15 -27.99
C GLN A 6 17.70 3.66 -28.06
N ASN A 7 16.61 4.18 -27.46
CA ASN A 7 16.31 5.59 -27.53
C ASN A 7 16.68 6.40 -26.32
N LEU A 8 17.27 5.73 -25.34
CA LEU A 8 17.59 6.39 -24.08
C LEU A 8 18.36 7.71 -24.21
N THR A 9 19.24 7.81 -25.21
CA THR A 9 19.99 9.04 -25.36
C THR A 9 19.32 10.04 -26.30
N GLN A 10 18.12 9.72 -26.75
CA GLN A 10 17.43 10.62 -27.66
C GLN A 10 16.12 11.19 -27.07
N LEU A 11 16.08 11.40 -25.75
CA LEU A 11 14.88 11.96 -25.11
C LEU A 11 15.08 13.44 -24.87
N ALA A 12 14.03 14.13 -24.45
CA ALA A 12 14.13 15.56 -24.19
C ALA A 12 15.25 15.83 -23.19
N PRO A 13 15.94 16.99 -23.34
CA PRO A 13 17.06 17.41 -22.49
C PRO A 13 16.84 17.37 -20.98
N GLU A 14 15.64 17.73 -20.56
CA GLU A 14 15.34 17.78 -19.13
C GLU A 14 15.19 16.41 -18.49
N VAL A 15 15.09 15.37 -19.31
CA VAL A 15 14.88 14.03 -18.79
C VAL A 15 16.17 13.47 -18.19
N LYS A 16 16.14 13.14 -16.89
CA LYS A 16 17.31 12.59 -16.20
C LYS A 16 17.45 11.11 -16.53
N LEU A 17 18.69 10.69 -16.78
CA LEU A 17 18.99 9.31 -17.16
C LEU A 17 19.88 8.62 -16.14
N PRO A 18 19.80 7.29 -16.08
CA PRO A 18 20.65 6.52 -15.14
C PRO A 18 22.08 6.93 -15.49
N ALA A 19 22.92 7.07 -14.47
CA ALA A 19 24.32 7.46 -14.67
C ALA A 19 25.22 6.25 -14.62
N TYR A 20 24.64 5.06 -14.50
CA TYR A 20 25.44 3.84 -14.46
C TYR A 20 25.16 3.04 -15.72
N THR A 21 26.06 2.13 -16.05
CA THR A 21 25.87 1.30 -17.22
C THR A 21 24.85 0.22 -16.86
N LEU A 22 23.73 0.21 -17.55
CA LEU A 22 22.68 -0.77 -17.25
C LEU A 22 23.15 -2.21 -17.33
N ALA A 23 23.97 -2.50 -18.33
CA ALA A 23 24.45 -3.85 -18.50
C ALA A 23 25.37 -4.37 -17.41
N ASP A 24 25.90 -3.48 -16.57
CA ASP A 24 26.78 -3.91 -15.49
C ASP A 24 26.03 -4.11 -14.16
N THR A 25 24.72 -3.98 -14.13
CA THR A 25 24.04 -4.19 -12.84
C THR A 25 23.75 -5.67 -12.68
N ARG A 26 23.66 -6.14 -11.44
CA ARG A 26 23.36 -7.55 -11.14
C ARG A 26 22.31 -7.53 -10.02
N GLN A 27 21.48 -8.56 -10.00
CA GLN A 27 20.35 -8.59 -9.06
C GLN A 27 20.65 -8.99 -7.64
N GLY A 28 19.99 -8.30 -6.71
CA GLY A 28 20.15 -8.62 -5.30
C GLY A 28 18.82 -8.60 -4.57
N ILE A 29 17.80 -8.04 -5.21
CA ILE A 29 16.47 -7.98 -4.58
C ILE A 29 15.44 -8.61 -5.50
N ALA A 30 14.54 -9.43 -4.93
CA ALA A 30 13.41 -9.96 -5.69
C ALA A 30 12.20 -9.26 -5.06
N HIS A 31 11.46 -8.50 -5.89
CA HIS A 31 10.30 -7.78 -5.37
C HIS A 31 8.97 -8.35 -5.79
N ILE A 32 8.18 -8.76 -4.80
CA ILE A 32 6.87 -9.32 -5.13
C ILE A 32 5.80 -8.23 -5.11
N GLY A 33 5.14 -8.07 -6.26
CA GLY A 33 4.09 -7.06 -6.39
C GLY A 33 4.62 -5.81 -7.08
N VAL A 34 4.98 -5.89 -8.35
CA VAL A 34 5.53 -4.69 -8.99
C VAL A 34 4.39 -3.81 -9.49
N GLY A 35 4.03 -2.80 -8.69
CA GLY A 35 2.97 -1.89 -9.09
C GLY A 35 3.56 -0.50 -9.17
N GLY A 36 2.76 0.49 -8.77
CA GLY A 36 3.27 1.84 -8.80
C GLY A 36 4.17 2.17 -7.62
N PHE A 37 3.72 1.85 -6.40
CA PHE A 37 4.51 2.24 -5.23
C PHE A 37 5.91 1.68 -5.18
N HIS A 38 6.06 0.40 -5.52
CA HIS A 38 7.40 -0.16 -5.51
C HIS A 38 8.33 0.64 -6.41
N ARG A 39 7.82 0.99 -7.58
CA ARG A 39 8.62 1.71 -8.55
C ARG A 39 8.95 3.14 -8.16
N ALA A 40 8.01 3.80 -7.50
CA ALA A 40 8.21 5.21 -7.10
C ALA A 40 9.01 5.36 -5.81
N HIS A 41 9.18 4.25 -5.11
CA HIS A 41 9.80 4.30 -3.78
C HIS A 41 11.03 3.41 -3.68
N GLN A 42 10.89 2.10 -3.49
CA GLN A 42 12.10 1.28 -3.40
C GLN A 42 12.96 1.28 -4.66
N ALA A 43 12.34 1.17 -5.84
CA ALA A 43 13.18 1.17 -7.06
C ALA A 43 13.81 2.57 -7.25
N TYR A 44 13.07 3.60 -6.85
CA TYR A 44 13.56 4.98 -6.93
C TYR A 44 14.85 5.15 -6.07
N TYR A 45 14.80 4.76 -4.80
CA TYR A 45 16.00 4.92 -3.96
C TYR A 45 17.15 4.04 -4.42
N THR A 46 16.85 2.83 -4.89
CA THR A 46 17.91 1.96 -5.34
C THR A 46 18.60 2.53 -6.61
N ASP A 47 17.80 3.13 -7.49
CA ASP A 47 18.33 3.74 -8.71
C ASP A 47 19.17 4.95 -8.27
N ALA A 48 18.70 5.70 -7.28
CA ALA A 48 19.45 6.89 -6.82
C ALA A 48 20.84 6.47 -6.29
N LEU A 49 20.90 5.34 -5.57
CA LEU A 49 22.18 4.83 -5.03
C LEU A 49 23.12 4.46 -6.18
N MSE A 50 22.57 3.75 -7.17
CA MSE A 50 23.35 3.32 -8.34
C MSE A 50 23.90 4.53 -9.07
O MSE A 50 25.03 4.47 -9.57
CB MSE A 50 22.46 2.48 -9.28
CG MSE A 50 22.18 1.14 -8.67
SE MSE A 50 21.06 0.17 -9.94
CE MSE A 50 20.75 -1.37 -9.00
N ASN A 51 23.16 5.62 -9.08
CA ASN A 51 23.66 6.83 -9.75
C ASN A 51 24.86 7.45 -9.04
N THR A 52 25.12 7.03 -7.80
CA THR A 52 26.31 7.54 -7.08
C THR A 52 27.48 6.61 -7.35
N GLY A 53 27.23 5.53 -8.10
CA GLY A 53 28.24 4.57 -8.45
C GLY A 53 28.42 3.40 -7.47
N GLU A 54 27.44 3.20 -6.59
CA GLU A 54 27.51 2.13 -5.60
C GLU A 54 26.27 1.27 -5.72
N GLY A 55 26.34 0.08 -5.15
CA GLY A 55 25.22 -0.85 -5.13
C GLY A 55 24.69 -1.33 -6.46
N LEU A 56 25.56 -1.46 -7.45
CA LEU A 56 25.14 -1.92 -8.77
C LEU A 56 24.78 -3.40 -8.73
N ASP A 57 25.09 -4.05 -7.60
CA ASP A 57 24.78 -5.45 -7.42
C ASP A 57 23.46 -5.65 -6.68
N TRP A 58 22.68 -4.57 -6.60
CA TRP A 58 21.38 -4.62 -5.92
C TRP A 58 20.21 -4.34 -6.87
N SER A 59 20.37 -4.76 -8.12
CA SER A 59 19.28 -4.62 -9.08
C SER A 59 18.07 -5.43 -8.61
N ILE A 60 16.89 -5.02 -9.07
CA ILE A 60 15.65 -5.68 -8.67
C ILE A 60 15.09 -6.61 -9.76
N CYS A 61 14.71 -7.82 -9.35
CA CYS A 61 14.01 -8.74 -10.25
C CYS A 61 12.56 -8.69 -9.77
N GLY A 62 11.66 -8.13 -10.59
CA GLY A 62 10.24 -8.10 -10.20
C GLY A 62 9.67 -9.52 -10.18
N VAL A 63 8.57 -9.70 -9.45
CA VAL A 63 7.90 -11.00 -9.33
C VAL A 63 6.41 -10.73 -9.34
N GLY A 64 5.70 -11.36 -10.27
CA GLY A 64 4.25 -11.20 -10.35
C GLY A 64 3.56 -12.53 -10.11
N LEU A 65 2.68 -12.57 -9.11
CA LEU A 65 1.95 -13.83 -8.78
C LEU A 65 0.52 -13.87 -9.34
N ARG A 66 0.08 -12.76 -9.93
CA ARG A 66 -1.31 -12.65 -10.39
C ARG A 66 -1.44 -12.43 -11.89
N SER A 67 -2.58 -12.83 -12.43
CA SER A 67 -2.83 -12.72 -13.87
C SER A 67 -2.69 -11.27 -14.32
N GLU A 68 -3.14 -10.32 -13.49
CA GLU A 68 -3.01 -8.91 -13.89
C GLU A 68 -1.56 -8.39 -13.99
N ASP A 69 -0.59 -9.14 -13.46
CA ASP A 69 0.80 -8.73 -13.55
C ASP A 69 1.42 -8.94 -14.93
N ARG A 70 0.75 -9.70 -15.80
CA ARG A 70 1.28 -9.95 -17.14
C ARG A 70 1.43 -8.66 -17.93
N LYS A 71 0.43 -7.79 -17.84
CA LYS A 71 0.50 -6.53 -18.58
C LYS A 71 1.68 -5.69 -18.09
N ALA A 72 1.92 -5.64 -16.77
CA ALA A 72 3.07 -4.88 -16.25
C ALA A 72 4.40 -5.45 -16.83
N ARG A 73 4.53 -6.78 -16.80
CA ARG A 73 5.74 -7.42 -17.30
C ARG A 73 5.94 -7.09 -18.78
N ASP A 74 4.87 -7.24 -19.58
CA ASP A 74 4.98 -7.00 -21.02
C ASP A 74 5.33 -5.54 -21.31
N ASP A 75 4.69 -4.61 -20.58
CA ASP A 75 4.93 -3.18 -20.81
C ASP A 75 6.37 -2.84 -20.46
N LEU A 76 6.85 -3.37 -19.33
CA LEU A 76 8.23 -3.08 -18.95
C LEU A 76 9.21 -3.78 -19.91
N ALA A 77 8.95 -5.05 -20.24
CA ALA A 77 9.87 -5.78 -21.14
C ALA A 77 10.00 -5.08 -22.47
N GLY A 78 8.91 -4.46 -22.93
CA GLY A 78 8.98 -3.74 -24.21
C GLY A 78 9.82 -2.47 -24.13
N GLN A 79 10.25 -2.13 -22.91
CA GLN A 79 11.08 -0.94 -22.69
C GLN A 79 12.45 -1.34 -22.08
N ASP A 80 12.80 -2.62 -22.18
CA ASP A 80 14.07 -3.14 -21.67
C ASP A 80 14.10 -2.92 -20.14
N TYR A 81 12.92 -2.95 -19.55
CA TYR A 81 12.70 -2.79 -18.12
C TYR A 81 12.95 -1.38 -17.58
N LEU A 82 13.11 -0.43 -18.50
CA LEU A 82 13.24 0.99 -18.10
C LEU A 82 11.80 1.59 -17.94
N PHE A 83 11.60 2.58 -17.08
CA PHE A 83 10.30 3.23 -16.96
C PHE A 83 10.59 4.64 -16.47
N THR A 84 9.63 5.53 -16.71
CA THR A 84 9.79 6.92 -16.31
C THR A 84 9.13 7.18 -14.96
N LEU A 85 9.86 7.87 -14.09
CA LEU A 85 9.33 8.32 -12.82
C LEU A 85 8.97 9.78 -13.11
N TYR A 86 7.69 10.13 -13.00
CA TYR A 86 7.21 11.47 -13.35
C TYR A 86 6.63 12.09 -12.09
N GLU A 87 7.40 12.99 -11.48
CA GLU A 87 6.98 13.66 -10.25
C GLU A 87 6.02 14.79 -10.58
N LEU A 88 4.91 14.89 -9.85
CA LEU A 88 3.93 15.94 -10.11
C LEU A 88 3.63 16.68 -8.80
N GLY A 89 3.78 18.01 -8.81
CA GLY A 89 3.52 18.79 -7.61
C GLY A 89 3.26 20.27 -7.95
N ASP A 90 2.70 21.04 -7.03
CA ASP A 90 2.38 22.46 -7.25
C ASP A 90 3.47 23.41 -6.81
N THR A 91 3.96 23.22 -5.60
CA THR A 91 5.03 24.01 -5.02
C THR A 91 6.19 23.15 -5.47
N ASP A 92 6.23 23.00 -6.79
CA ASP A 92 7.17 22.10 -7.45
C ASP A 92 8.55 22.41 -7.99
N ASP A 93 9.41 21.52 -7.54
CA ASP A 93 10.78 21.39 -7.91
C ASP A 93 10.58 19.87 -8.12
N THR A 94 10.22 19.51 -9.34
CA THR A 94 9.94 18.12 -9.69
C THR A 94 10.83 17.72 -10.87
N GLU A 95 11.14 16.44 -10.99
CA GLU A 95 11.94 16.00 -12.12
C GLU A 95 11.22 14.87 -12.83
N VAL A 96 11.70 14.58 -14.05
CA VAL A 96 11.22 13.48 -14.89
C VAL A 96 12.51 12.70 -15.06
N ARG A 97 12.48 11.43 -14.68
CA ARG A 97 13.68 10.62 -14.65
C ARG A 97 13.43 9.21 -15.10
N VAL A 98 14.33 8.68 -15.93
CA VAL A 98 14.23 7.30 -16.35
C VAL A 98 14.92 6.43 -15.26
N ILE A 99 14.22 5.41 -14.76
CA ILE A 99 14.72 4.55 -13.69
C ILE A 99 15.23 3.25 -14.30
N GLY A 100 16.45 2.83 -13.91
CA GLY A 100 17.01 1.61 -14.46
C GLY A 100 17.32 0.51 -13.44
N SER A 101 16.79 0.65 -12.22
CA SER A 101 17.08 -0.34 -11.17
C SER A 101 16.34 -1.67 -11.22
N ILE A 102 15.32 -1.79 -12.11
CA ILE A 102 14.61 -3.06 -12.25
C ILE A 102 15.17 -3.63 -13.57
N SER A 103 15.71 -4.85 -13.49
CA SER A 103 16.30 -5.49 -14.67
C SER A 103 15.51 -6.66 -15.27
N ASP A 104 14.47 -7.13 -14.59
CA ASP A 104 13.66 -8.23 -15.16
C ASP A 104 12.42 -8.32 -14.30
N MSE A 105 11.48 -9.18 -14.70
CA MSE A 105 10.26 -9.44 -13.92
C MSE A 105 9.78 -10.83 -14.35
O MSE A 105 9.59 -11.06 -15.55
CB MSE A 105 9.20 -8.40 -14.22
CG MSE A 105 7.92 -8.65 -13.43
SE MSE A 105 6.72 -7.20 -13.60
CE MSE A 105 5.13 -8.04 -12.75
N LEU A 106 9.66 -11.74 -13.38
CA LEU A 106 9.20 -13.12 -13.63
C LEU A 106 7.75 -13.25 -13.20
N LEU A 107 6.99 -14.09 -13.91
CA LEU A 107 5.59 -14.33 -13.58
C LEU A 107 5.42 -15.77 -13.14
N ALA A 108 4.69 -15.97 -12.06
CA ALA A 108 4.44 -17.34 -11.59
C ALA A 108 3.79 -18.17 -12.73
N GLU A 109 2.88 -17.57 -13.51
CA GLU A 109 2.18 -18.30 -14.58
C GLU A 109 3.12 -18.90 -15.63
N ASP A 110 4.34 -18.36 -15.75
CA ASP A 110 5.31 -18.89 -16.73
C ASP A 110 6.06 -20.11 -16.25
N SER A 111 6.16 -20.27 -14.94
CA SER A 111 6.87 -21.38 -14.33
C SER A 111 7.03 -21.16 -12.82
N ALA A 112 6.36 -21.97 -12.03
CA ALA A 112 6.51 -21.85 -10.58
C ALA A 112 7.97 -22.12 -10.19
N GLN A 113 8.59 -23.13 -10.81
CA GLN A 113 9.97 -23.47 -10.41
C GLN A 113 11.01 -22.41 -10.79
N ALA A 114 10.80 -21.71 -11.92
CA ALA A 114 11.74 -20.67 -12.34
C ALA A 114 11.71 -19.56 -11.28
N LEU A 115 10.52 -19.27 -10.75
CA LEU A 115 10.41 -18.23 -9.71
C LEU A 115 11.06 -18.70 -8.40
N ILE A 116 10.83 -19.97 -8.03
CA ILE A 116 11.45 -20.54 -6.82
C ILE A 116 12.98 -20.47 -6.98
N ASP A 117 13.46 -20.82 -8.18
CA ASP A 117 14.92 -20.79 -8.44
C ASP A 117 15.48 -19.39 -8.27
N LYS A 118 14.75 -18.42 -8.78
CA LYS A 118 15.21 -17.00 -8.67
C LYS A 118 15.26 -16.61 -7.19
N LEU A 119 14.19 -16.89 -6.46
CA LEU A 119 14.15 -16.55 -5.02
C LEU A 119 15.20 -17.32 -4.21
N ALA A 120 15.63 -18.48 -4.72
CA ALA A 120 16.62 -19.29 -4.04
C ALA A 120 18.05 -19.06 -4.53
N SER A 121 18.24 -18.13 -5.48
CA SER A 121 19.59 -17.87 -6.01
C SER A 121 20.39 -17.10 -4.95
N PRO A 122 21.67 -17.47 -4.77
CA PRO A 122 22.47 -16.79 -3.75
C PRO A 122 22.60 -15.27 -3.86
N GLU A 123 22.49 -14.74 -5.09
CA GLU A 123 22.63 -13.31 -5.33
C GLU A 123 21.44 -12.56 -4.76
N ILE A 124 20.29 -13.24 -4.69
CA ILE A 124 19.07 -12.59 -4.15
C ILE A 124 19.18 -12.66 -2.64
N ARG A 125 19.32 -11.48 -2.05
CA ARG A 125 19.54 -11.36 -0.59
C ARG A 125 18.41 -10.70 0.17
N ILE A 126 17.47 -10.11 -0.57
CA ILE A 126 16.29 -9.49 0.05
C ILE A 126 15.10 -9.83 -0.85
N VAL A 127 14.00 -10.28 -0.23
CA VAL A 127 12.72 -10.49 -0.95
C VAL A 127 11.83 -9.37 -0.34
N SER A 128 11.49 -8.37 -1.16
CA SER A 128 10.66 -7.28 -0.70
C SER A 128 9.23 -7.45 -1.18
N LEU A 129 8.31 -6.77 -0.48
CA LEU A 129 6.89 -6.91 -0.76
C LEU A 129 6.05 -5.66 -0.88
N THR A 130 5.22 -5.57 -1.93
CA THR A 130 4.10 -4.61 -1.90
C THR A 130 2.95 -5.52 -2.41
N ILE A 131 2.44 -6.35 -1.51
CA ILE A 131 1.36 -7.32 -1.87
C ILE A 131 -0.02 -6.87 -1.40
N THR A 132 -0.09 -5.59 -1.01
CA THR A 132 -1.29 -4.91 -0.51
C THR A 132 -1.67 -5.22 0.93
N GLU A 133 -2.50 -4.33 1.49
CA GLU A 133 -2.91 -4.40 2.88
C GLU A 133 -3.54 -5.71 3.33
N GLY A 134 -4.27 -6.35 2.43
CA GLY A 134 -4.91 -7.61 2.81
C GLY A 134 -4.12 -8.84 2.37
N GLY A 135 -2.91 -8.67 1.80
CA GLY A 135 -2.16 -9.85 1.34
C GLY A 135 -1.51 -10.73 2.39
N TYR A 136 -1.54 -10.34 3.66
CA TYR A 136 -0.85 -11.09 4.70
C TYR A 136 -1.65 -12.15 5.42
N CYS A 137 -2.96 -12.14 5.18
CA CYS A 137 -3.85 -13.14 5.72
C CYS A 137 -3.86 -13.29 7.22
N ILE A 138 -3.78 -12.19 7.97
CA ILE A 138 -3.89 -12.29 9.43
C ILE A 138 -5.22 -11.61 9.74
N ASP A 139 -6.07 -12.25 10.54
CA ASP A 139 -7.37 -11.69 10.94
C ASP A 139 -7.06 -10.74 12.11
N ASP A 140 -7.21 -9.43 11.92
CA ASP A 140 -6.90 -8.46 12.99
C ASP A 140 -7.77 -8.54 14.24
N SER A 141 -8.97 -9.09 14.15
CA SER A 141 -9.76 -9.14 15.37
C SER A 141 -9.15 -10.07 16.41
N ASN A 142 -8.59 -11.19 15.97
CA ASN A 142 -8.01 -12.15 16.93
C ASN A 142 -6.53 -12.48 16.73
N GLY A 143 -5.89 -11.84 15.76
CA GLY A 143 -4.48 -12.08 15.49
C GLY A 143 -4.19 -13.44 14.88
N GLU A 144 -5.22 -14.10 14.39
CA GLU A 144 -5.02 -15.42 13.84
C GLU A 144 -4.68 -15.47 12.33
N PHE A 145 -3.73 -16.34 11.95
CA PHE A 145 -3.41 -16.53 10.54
C PHE A 145 -4.63 -17.26 9.93
N MSE A 146 -5.09 -16.83 8.77
CA MSE A 146 -6.27 -17.40 8.14
C MSE A 146 -5.94 -18.61 7.26
O MSE A 146 -6.05 -18.58 6.04
CB MSE A 146 -6.97 -16.29 7.32
CG MSE A 146 -7.45 -15.16 8.27
SE MSE A 146 -7.90 -13.49 7.31
CE MSE A 146 -9.66 -13.99 6.73
N ALA A 147 -5.55 -19.68 7.94
CA ALA A 147 -5.15 -20.94 7.28
C ALA A 147 -6.20 -21.54 6.37
N HIS A 148 -7.46 -21.23 6.65
CA HIS A 148 -8.58 -21.77 5.87
C HIS A 148 -8.77 -21.18 4.47
N LEU A 149 -8.12 -20.06 4.18
CA LEU A 149 -8.28 -19.47 2.86
C LEU A 149 -7.89 -20.53 1.84
N PRO A 150 -8.63 -20.59 0.74
CA PRO A 150 -8.39 -21.56 -0.34
C PRO A 150 -6.99 -21.57 -0.95
N GLN A 151 -6.44 -20.39 -1.21
CA GLN A 151 -5.12 -20.34 -1.81
C GLN A 151 -4.05 -20.78 -0.79
N ILE A 152 -4.30 -20.56 0.50
CA ILE A 152 -3.36 -21.01 1.54
C ILE A 152 -3.47 -22.55 1.62
N GLN A 153 -4.69 -23.08 1.63
CA GLN A 153 -4.83 -24.55 1.64
C GLN A 153 -4.16 -25.15 0.40
N HIS A 154 -4.30 -24.47 -0.74
CA HIS A 154 -3.66 -24.95 -1.96
C HIS A 154 -2.15 -25.09 -1.77
N ASP A 155 -1.52 -24.04 -1.24
CA ASP A 155 -0.07 -24.10 -1.06
C ASP A 155 0.41 -25.16 -0.05
N LEU A 156 -0.42 -25.43 0.97
CA LEU A 156 -0.04 -26.45 1.93
C LEU A 156 -0.11 -27.82 1.25
N ALA A 157 -1.08 -28.00 0.35
CA ALA A 157 -1.26 -29.26 -0.39
C ALA A 157 -0.29 -29.45 -1.55
N HIS A 158 0.24 -28.36 -2.10
CA HIS A 158 1.18 -28.43 -3.22
C HIS A 158 2.31 -27.48 -3.00
N PRO A 159 3.18 -27.77 -2.01
CA PRO A 159 4.30 -26.88 -1.71
C PRO A 159 5.27 -26.64 -2.84
N SER A 160 5.34 -27.53 -3.81
CA SER A 160 6.26 -27.32 -4.94
C SER A 160 5.60 -26.64 -6.12
N SER A 161 4.32 -26.30 -5.99
CA SER A 161 3.63 -25.55 -7.05
C SER A 161 2.76 -24.51 -6.34
N PRO A 162 3.40 -23.64 -5.54
CA PRO A 162 2.65 -22.61 -4.81
C PRO A 162 2.09 -21.51 -5.69
N LYS A 163 1.13 -20.80 -5.12
CA LYS A 163 0.52 -19.69 -5.82
C LYS A 163 0.65 -18.43 -4.98
N THR A 164 0.87 -18.57 -3.67
CA THR A 164 0.92 -17.38 -2.81
C THR A 164 2.30 -16.98 -2.39
N VAL A 165 2.40 -15.76 -1.86
CA VAL A 165 3.69 -15.31 -1.41
C VAL A 165 4.28 -16.27 -0.35
N PHE A 166 3.42 -16.78 0.54
CA PHE A 166 3.96 -17.67 1.57
C PHE A 166 4.49 -18.96 1.00
N GLY A 167 3.77 -19.54 0.04
CA GLY A 167 4.21 -20.79 -0.58
C GLY A 167 5.50 -20.59 -1.33
N PHE A 168 5.61 -19.48 -2.07
CA PHE A 168 6.85 -19.22 -2.79
C PHE A 168 8.02 -18.96 -1.87
N ILE A 169 7.82 -18.13 -0.84
CA ILE A 169 8.94 -17.90 0.06
C ILE A 169 9.38 -19.20 0.77
N CYS A 170 8.43 -20.01 1.24
CA CYS A 170 8.84 -21.25 1.92
C CYS A 170 9.55 -22.18 0.98
N ALA A 171 9.05 -22.31 -0.25
CA ALA A 171 9.73 -23.22 -1.16
C ALA A 171 11.15 -22.71 -1.47
N ALA A 172 11.33 -21.40 -1.59
CA ALA A 172 12.65 -20.86 -1.88
C ALA A 172 13.59 -21.08 -0.70
N LEU A 173 13.09 -20.87 0.51
CA LEU A 173 13.97 -21.01 1.68
C LEU A 173 14.39 -22.47 1.84
N THR A 174 13.48 -23.39 1.58
CA THR A 174 13.81 -24.81 1.67
C THR A 174 14.93 -25.17 0.69
N GLN A 175 14.79 -24.69 -0.55
CA GLN A 175 15.81 -24.92 -1.60
C GLN A 175 17.15 -24.29 -1.23
N ARG A 176 17.13 -23.05 -0.71
CA ARG A 176 18.38 -22.42 -0.28
C ARG A 176 19.08 -23.26 0.79
N ARG A 177 18.30 -23.71 1.78
CA ARG A 177 18.85 -24.53 2.87
C ARG A 177 19.54 -25.80 2.36
N ALA A 178 18.88 -26.45 1.39
CA ALA A 178 19.39 -27.67 0.84
C ALA A 178 20.66 -27.41 0.04
N ALA A 179 20.87 -26.16 -0.37
CA ALA A 179 22.08 -25.84 -1.13
C ALA A 179 23.16 -25.20 -0.25
N GLY A 180 22.88 -25.07 1.03
CA GLY A 180 23.80 -24.41 1.93
C GLY A 180 23.84 -22.91 1.69
N ILE A 181 22.76 -22.36 1.13
CA ILE A 181 22.68 -20.91 0.82
C ILE A 181 21.96 -20.21 1.99
N PRO A 182 22.52 -19.08 2.47
CA PRO A 182 21.86 -18.38 3.59
C PRO A 182 20.52 -17.79 3.24
N ALA A 183 19.70 -17.57 4.26
CA ALA A 183 18.39 -16.99 4.10
C ALA A 183 18.48 -15.56 3.55
N PHE A 184 17.37 -15.08 2.99
CA PHE A 184 17.27 -13.68 2.58
C PHE A 184 16.44 -12.96 3.67
N THR A 185 16.44 -11.63 3.67
CA THR A 185 15.60 -10.85 4.57
C THR A 185 14.27 -10.68 3.81
N VAL A 186 13.17 -10.67 4.52
CA VAL A 186 11.85 -10.42 3.90
C VAL A 186 11.50 -9.00 4.38
N MSE A 187 11.38 -8.11 3.40
CA MSE A 187 11.18 -6.67 3.64
C MSE A 187 9.83 -6.16 3.18
O MSE A 187 9.67 -5.82 2.02
CB MSE A 187 12.34 -5.92 2.92
CG MSE A 187 12.49 -4.46 3.31
SE MSE A 187 13.90 -3.55 2.32
CE MSE A 187 13.06 -3.35 0.54
N SER A 188 8.88 -6.03 4.10
CA SER A 188 7.52 -5.55 3.75
C SER A 188 7.53 -4.04 3.52
N CYS A 189 6.91 -3.62 2.42
CA CYS A 189 6.78 -2.19 2.13
C CYS A 189 5.29 -1.87 1.99
N ASP A 190 4.45 -2.62 2.71
CA ASP A 190 3.02 -2.35 2.70
C ASP A 190 2.56 -1.52 3.89
N ASN A 191 1.37 -0.93 3.76
CA ASN A 191 0.81 -0.08 4.80
C ASN A 191 0.14 -0.86 5.92
N LEU A 192 0.93 -1.37 6.86
CA LEU A 192 0.40 -2.09 8.02
C LEU A 192 1.15 -1.42 9.16
N PRO A 193 0.48 -1.21 10.30
CA PRO A 193 1.18 -0.56 11.42
C PRO A 193 2.56 -1.15 11.78
N HIS A 194 2.61 -2.47 11.93
CA HIS A 194 3.88 -3.13 12.22
C HIS A 194 4.05 -4.12 11.05
N ASN A 195 4.41 -3.60 9.88
CA ASN A 195 4.50 -4.47 8.70
C ASN A 195 5.50 -5.62 8.78
N GLY A 196 6.66 -5.38 9.39
CA GLY A 196 7.61 -6.47 9.54
C GLY A 196 7.06 -7.53 10.52
N ALA A 197 6.54 -7.11 11.66
CA ALA A 197 6.02 -8.08 12.64
C ALA A 197 4.89 -8.92 12.04
N VAL A 198 4.03 -8.28 11.23
CA VAL A 198 2.90 -8.99 10.60
C VAL A 198 3.46 -10.02 9.59
N THR A 199 4.44 -9.60 8.79
CA THR A 199 5.06 -10.53 7.80
C THR A 199 5.65 -11.73 8.54
N ARG A 200 6.38 -11.45 9.62
CA ARG A 200 6.95 -12.52 10.43
C ARG A 200 5.87 -13.45 10.99
N LYS A 201 4.81 -12.88 11.59
CA LYS A 201 3.75 -13.71 12.17
C LYS A 201 3.08 -14.60 11.15
N ALA A 202 2.80 -14.03 9.98
CA ALA A 202 2.15 -14.76 8.92
C ALA A 202 3.04 -15.88 8.36
N LEU A 203 4.29 -15.54 8.01
CA LEU A 203 5.18 -16.56 7.44
C LEU A 203 5.43 -17.68 8.43
N LEU A 204 5.63 -17.34 9.71
CA LEU A 204 5.86 -18.38 10.71
C LEU A 204 4.63 -19.24 10.91
N ALA A 205 3.46 -18.64 10.94
CA ALA A 205 2.21 -19.41 11.12
C ALA A 205 2.04 -20.38 9.95
N PHE A 206 2.34 -19.88 8.76
CA PHE A 206 2.23 -20.73 7.57
C PHE A 206 3.26 -21.86 7.63
N ALA A 207 4.50 -21.54 7.96
CA ALA A 207 5.55 -22.54 8.03
C ALA A 207 5.21 -23.62 9.06
N ALA A 208 4.59 -23.20 10.16
CA ALA A 208 4.20 -24.12 11.23
C ALA A 208 3.18 -25.14 10.75
N LEU A 209 2.34 -24.76 9.78
CA LEU A 209 1.37 -25.71 9.23
C LEU A 209 2.11 -26.77 8.37
N HIS A 210 3.36 -26.50 8.00
CA HIS A 210 4.19 -27.47 7.25
C HIS A 210 4.89 -28.38 8.27
N ASN A 211 5.89 -27.84 8.96
CA ASN A 211 6.57 -28.60 10.01
C ASN A 211 7.26 -27.65 10.95
N ALA A 212 7.35 -28.06 12.22
CA ALA A 212 8.00 -27.24 13.21
C ALA A 212 9.43 -26.93 12.79
N GLU A 213 10.08 -27.90 12.15
CA GLU A 213 11.46 -27.69 11.76
C GLU A 213 11.68 -26.49 10.81
N LEU A 214 10.87 -26.40 9.76
CA LEU A 214 11.00 -25.27 8.81
C LEU A 214 10.67 -23.97 9.57
N HIS A 215 9.61 -24.03 10.39
CA HIS A 215 9.18 -22.89 11.22
C HIS A 215 10.33 -22.43 12.11
N ASP A 216 10.96 -23.39 12.78
CA ASP A 216 12.04 -23.03 13.69
C ASP A 216 13.25 -22.45 12.98
N TRP A 217 13.57 -23.01 11.81
CA TRP A 217 14.69 -22.53 11.08
C TRP A 217 14.43 -21.10 10.59
N ILE A 218 13.20 -20.84 10.14
CA ILE A 218 12.88 -19.50 9.64
C ILE A 218 12.94 -18.48 10.78
N LYS A 219 12.37 -18.86 11.92
CA LYS A 219 12.37 -17.99 13.08
C LYS A 219 13.78 -17.59 13.46
N ALA A 220 14.72 -18.52 13.32
CA ALA A 220 16.11 -18.23 13.66
C ALA A 220 17.01 -17.64 12.56
N HIS A 221 16.62 -17.73 11.29
CA HIS A 221 17.51 -17.26 10.22
C HIS A 221 17.01 -16.12 9.34
N VAL A 222 15.71 -15.85 9.38
CA VAL A 222 15.15 -14.78 8.53
C VAL A 222 14.79 -13.53 9.39
N SER A 223 15.10 -12.33 8.90
CA SER A 223 14.73 -11.09 9.61
C SER A 223 13.54 -10.43 8.83
N PHE A 224 12.77 -9.61 9.55
CA PHE A 224 11.53 -9.02 9.05
C PHE A 224 11.49 -7.58 9.57
N PRO A 225 12.30 -6.70 8.97
CA PRO A 225 12.32 -5.31 9.43
C PRO A 225 10.98 -4.57 9.28
N ASN A 226 10.61 -3.78 10.29
CA ASN A 226 9.44 -2.97 10.11
C ASN A 226 9.92 -1.71 9.41
N ALA A 227 8.98 -1.03 8.75
CA ALA A 227 9.33 0.22 8.08
C ALA A 227 8.15 1.15 7.99
N MSE A 228 8.46 2.44 7.83
CA MSE A 228 7.47 3.41 7.53
C MSE A 228 7.81 3.80 6.07
O MSE A 228 8.93 4.27 5.82
CB MSE A 228 7.62 4.65 8.36
CG MSE A 228 6.35 5.40 8.19
SE MSE A 228 6.70 6.87 7.13
CE MSE A 228 6.71 7.64 8.76
N VAL A 229 6.89 3.57 5.14
CA VAL A 229 7.16 3.87 3.74
C VAL A 229 6.15 4.91 3.30
N ASP A 230 6.61 5.98 2.63
CA ASP A 230 5.66 7.03 2.34
C ASP A 230 5.95 7.73 1.01
N ARG A 231 5.02 7.66 0.07
CA ARG A 231 5.12 8.42 -1.20
C ARG A 231 3.82 8.19 -1.95
N ILE A 232 3.00 9.23 -2.04
CA ILE A 232 1.70 9.13 -2.71
C ILE A 232 1.95 8.81 -4.18
N THR A 233 1.37 7.69 -4.60
CA THR A 233 1.61 7.18 -5.96
C THR A 233 0.28 6.80 -6.61
N PRO A 234 -0.28 7.70 -7.39
CA PRO A 234 -1.55 7.43 -8.07
C PRO A 234 -1.41 6.26 -9.10
N MSE A 235 -2.55 5.83 -9.62
CA MSE A 235 -2.58 4.84 -10.70
C MSE A 235 -2.19 5.58 -11.98
O MSE A 235 -2.48 6.78 -12.12
CB MSE A 235 -3.98 4.24 -10.89
CG MSE A 235 -4.55 3.66 -9.61
SE MSE A 235 -6.28 2.83 -10.04
CE MSE A 235 -7.30 4.48 -10.41
N THR A 236 -1.49 4.91 -12.88
CA THR A 236 -1.13 5.57 -14.11
C THR A 236 -2.32 5.44 -15.06
N SER A 237 -3.14 6.46 -15.08
CA SER A 237 -4.31 6.46 -15.98
C SER A 237 -3.81 6.93 -17.36
N THR A 238 -4.68 6.83 -18.36
CA THR A 238 -4.29 7.28 -19.67
C THR A 238 -3.91 8.75 -19.65
N ALA A 239 -4.66 9.56 -18.91
CA ALA A 239 -4.34 10.97 -18.87
C ALA A 239 -2.93 11.21 -18.29
N HIS A 240 -2.59 10.47 -17.24
CA HIS A 240 -1.23 10.64 -16.67
C HIS A 240 -0.18 10.29 -17.72
N ARG A 241 -0.40 9.20 -18.46
CA ARG A 241 0.56 8.78 -19.47
C ARG A 241 0.65 9.80 -20.61
N LEU A 242 -0.50 10.32 -21.04
CA LEU A 242 -0.50 11.29 -22.10
C LEU A 242 0.14 12.60 -21.68
N GLN A 243 0.00 12.95 -20.41
CA GLN A 243 0.59 14.22 -19.94
C GLN A 243 2.12 14.14 -20.07
N LEU A 244 2.67 12.96 -19.79
CA LEU A 244 4.11 12.76 -19.89
C LEU A 244 4.58 12.99 -21.33
N HIS A 245 3.85 12.42 -22.29
CA HIS A 245 4.19 12.60 -23.69
C HIS A 245 4.00 14.09 -24.08
N ASP A 246 2.86 14.66 -23.69
CA ASP A 246 2.55 16.05 -24.02
C ASP A 246 3.64 16.99 -23.53
N GLU A 247 4.08 16.80 -22.28
CA GLU A 247 5.09 17.70 -21.68
C GLU A 247 6.54 17.38 -21.85
N HIS A 248 6.90 16.11 -22.02
CA HIS A 248 8.31 15.75 -22.09
C HIS A 248 8.70 14.85 -23.24
N GLY A 249 7.75 14.61 -24.16
CA GLY A 249 8.03 13.84 -25.37
C GLY A 249 8.25 12.35 -25.27
N ILE A 250 8.12 11.79 -24.06
CA ILE A 250 8.34 10.36 -23.88
C ILE A 250 7.06 9.55 -24.10
N ASP A 251 7.18 8.48 -24.87
CA ASP A 251 6.04 7.60 -25.07
C ASP A 251 6.40 6.42 -24.18
N ASP A 252 5.81 6.39 -22.98
CA ASP A 252 6.11 5.34 -22.01
C ASP A 252 4.80 4.54 -21.85
N ALA A 253 4.84 3.20 -22.04
CA ALA A 253 3.63 2.42 -21.96
C ALA A 253 3.14 2.41 -20.50
N TRP A 254 4.05 2.60 -19.55
CA TRP A 254 3.63 2.52 -18.13
C TRP A 254 4.57 3.28 -17.21
N PRO A 255 4.49 4.60 -17.28
CA PRO A 255 5.36 5.37 -16.39
C PRO A 255 4.76 5.29 -14.96
N VAL A 256 5.50 5.74 -13.96
CA VAL A 256 4.95 5.78 -12.60
C VAL A 256 4.86 7.28 -12.25
N VAL A 257 3.71 7.71 -11.72
CA VAL A 257 3.57 9.11 -11.34
C VAL A 257 3.54 9.17 -9.80
N CYS A 258 4.06 10.24 -9.22
CA CYS A 258 4.12 10.30 -7.75
C CYS A 258 4.40 11.73 -7.33
N GLU A 259 4.13 12.04 -6.06
CA GLU A 259 4.40 13.37 -5.53
C GLU A 259 5.89 13.55 -5.30
N PRO A 260 6.35 14.79 -5.15
CA PRO A 260 7.77 15.07 -4.91
C PRO A 260 8.23 14.52 -3.56
N PHE A 261 7.39 14.64 -2.54
CA PHE A 261 7.75 14.14 -1.21
C PHE A 261 7.97 12.60 -1.24
N VAL A 262 8.97 12.15 -0.48
CA VAL A 262 9.25 10.71 -0.36
C VAL A 262 10.06 10.47 0.91
N GLN A 263 9.72 9.42 1.63
CA GLN A 263 10.44 9.12 2.86
C GLN A 263 10.45 7.61 3.10
N TRP A 264 11.50 7.12 3.74
CA TRP A 264 11.60 5.68 4.06
C TRP A 264 12.38 5.62 5.38
N VAL A 265 11.75 5.11 6.42
CA VAL A 265 12.47 4.92 7.67
C VAL A 265 12.40 3.39 7.90
N LEU A 266 13.55 2.77 8.06
CA LEU A 266 13.68 1.31 8.18
C LEU A 266 14.39 0.89 9.45
N GLU A 267 14.04 -0.31 9.92
CA GLU A 267 14.78 -0.90 11.02
C GLU A 267 15.93 -1.66 10.33
N ASP A 268 17.16 -1.50 10.82
CA ASP A 268 18.30 -2.15 10.18
C ASP A 268 18.46 -3.59 10.60
N LYS A 269 17.57 -4.44 10.09
CA LYS A 269 17.53 -5.86 10.42
C LYS A 269 17.58 -6.68 9.15
N PHE A 270 18.78 -6.88 8.62
CA PHE A 270 18.97 -7.61 7.35
C PHE A 270 19.98 -8.71 7.62
N VAL A 271 19.56 -9.95 7.41
CA VAL A 271 20.42 -11.07 7.70
C VAL A 271 21.50 -11.32 6.67
N ASN A 272 21.27 -10.88 5.44
CA ASN A 272 22.18 -11.18 4.33
C ASN A 272 22.56 -9.91 3.55
N GLY A 273 22.72 -8.80 4.25
CA GLY A 273 23.13 -7.55 3.62
C GLY A 273 22.03 -6.69 3.02
N ARG A 274 22.40 -5.49 2.56
CA ARG A 274 21.40 -4.62 1.96
C ARG A 274 22.15 -3.53 1.28
N PRO A 275 21.49 -2.80 0.36
CA PRO A 275 22.15 -1.67 -0.32
C PRO A 275 22.39 -0.58 0.75
N ALA A 276 23.40 0.26 0.52
CA ALA A 276 23.71 1.40 1.40
C ALA A 276 22.70 2.55 1.14
N TRP A 277 21.42 2.27 1.32
CA TRP A 277 20.37 3.27 1.06
C TRP A 277 20.51 4.55 1.90
N GLU A 278 21.21 4.48 3.02
CA GLU A 278 21.31 5.70 3.82
C GLU A 278 22.09 6.78 3.07
N LYS A 279 22.90 6.38 2.09
CA LYS A 279 23.67 7.36 1.33
C LYS A 279 22.74 8.19 0.42
N VAL A 280 21.50 7.73 0.22
CA VAL A 280 20.57 8.50 -0.61
C VAL A 280 19.29 8.88 0.10
N GLY A 281 19.39 9.04 1.43
CA GLY A 281 18.26 9.53 2.18
C GLY A 281 17.35 8.61 3.00
N VAL A 282 17.54 7.30 2.88
CA VAL A 282 16.71 6.39 3.67
C VAL A 282 17.21 6.53 5.10
N GLN A 283 16.29 6.50 6.05
CA GLN A 283 16.60 6.68 7.46
C GLN A 283 16.48 5.36 8.20
N PHE A 284 17.40 5.10 9.14
CA PHE A 284 17.31 3.86 9.91
C PHE A 284 17.13 4.22 11.37
N THR A 285 16.29 3.46 12.06
CA THR A 285 16.06 3.77 13.47
C THR A 285 15.86 2.45 14.18
N ASP A 286 16.06 2.45 15.49
CA ASP A 286 15.93 1.21 16.22
C ASP A 286 14.51 0.61 16.24
N ASP A 287 13.53 1.46 16.50
CA ASP A 287 12.13 1.05 16.53
C ASP A 287 11.29 2.03 15.67
N VAL A 288 10.90 1.58 14.48
CA VAL A 288 10.16 2.45 13.60
C VAL A 288 8.65 2.42 13.88
N THR A 289 8.17 1.52 14.75
CA THR A 289 6.73 1.39 14.91
C THR A 289 5.95 2.64 15.29
N PRO A 290 6.45 3.51 16.18
CA PRO A 290 5.57 4.66 16.40
C PRO A 290 5.40 5.58 15.18
N TYR A 291 6.41 5.62 14.31
CA TYR A 291 6.36 6.43 13.10
C TYR A 291 5.39 5.79 12.09
N GLU A 292 5.44 4.47 11.93
CA GLU A 292 4.51 3.82 11.00
C GLU A 292 3.09 3.89 11.58
N GLU A 293 2.94 3.76 12.90
CA GLU A 293 1.59 3.86 13.52
C GLU A 293 1.01 5.25 13.22
N MSE A 294 1.88 6.25 13.38
CA MSE A 294 1.52 7.64 13.12
C MSE A 294 1.06 7.90 11.68
O MSE A 294 0.03 8.54 11.41
CB MSE A 294 2.73 8.55 13.38
CG MSE A 294 2.48 9.99 13.01
SE MSE A 294 4.22 10.99 12.87
CE MSE A 294 4.83 10.33 11.16
N LYS A 295 1.85 7.41 10.73
CA LYS A 295 1.50 7.64 9.34
C LYS A 295 0.23 6.90 8.95
N ILE A 296 0.13 5.65 9.39
CA ILE A 296 -1.08 4.87 9.06
C ILE A 296 -2.33 5.51 9.70
N GLY A 297 -2.21 5.92 10.96
CA GLY A 297 -3.38 6.50 11.64
C GLY A 297 -3.86 7.83 11.08
N LEU A 298 -2.90 8.68 10.79
CA LEU A 298 -3.18 10.01 10.29
C LEU A 298 -3.29 10.12 8.78
N LEU A 299 -2.32 9.61 8.03
CA LEU A 299 -2.40 9.76 6.57
C LEU A 299 -3.41 8.79 5.99
N ASN A 300 -3.21 7.48 6.21
CA ASN A 300 -4.15 6.54 5.62
C ASN A 300 -5.53 6.63 6.25
N GLY A 301 -5.59 6.87 7.56
CA GLY A 301 -6.87 7.04 8.19
C GLY A 301 -7.61 8.22 7.56
N SER A 302 -6.92 9.35 7.32
CA SER A 302 -7.59 10.51 6.72
C SER A 302 -8.02 10.20 5.29
N HIS A 303 -7.17 9.44 4.58
CA HIS A 303 -7.51 9.08 3.18
C HIS A 303 -8.86 8.36 3.19
N LEU A 304 -9.03 7.35 4.06
CA LEU A 304 -10.33 6.65 4.07
C LEU A 304 -11.46 7.55 4.48
N ALA A 305 -11.21 8.43 5.44
CA ALA A 305 -12.27 9.35 5.88
C ALA A 305 -12.71 10.28 4.74
N LEU A 306 -11.80 10.65 3.87
CA LEU A 306 -12.16 11.52 2.75
C LEU A 306 -12.76 10.81 1.53
N THR A 307 -12.25 9.62 1.30
CA THR A 307 -12.52 8.95 0.03
C THR A 307 -13.91 8.43 -0.29
N TYR A 308 -14.61 7.86 0.68
CA TYR A 308 -15.94 7.34 0.37
C TYR A 308 -16.93 8.50 0.34
N LEU A 309 -16.84 9.40 1.32
CA LEU A 309 -17.68 10.59 1.29
C LEU A 309 -17.43 11.38 0.00
N GLY A 310 -16.16 11.47 -0.41
CA GLY A 310 -15.81 12.23 -1.61
C GLY A 310 -16.38 11.59 -2.86
N PHE A 311 -16.30 10.27 -2.94
CA PHE A 311 -16.83 9.57 -4.12
C PHE A 311 -18.36 9.76 -4.19
N LEU A 312 -19.01 9.66 -3.03
CA LEU A 312 -20.47 9.85 -2.96
C LEU A 312 -20.86 11.25 -3.40
N LYS A 313 -20.09 12.24 -2.97
CA LYS A 313 -20.36 13.63 -3.31
C LYS A 313 -20.16 13.86 -4.82
N GLY A 314 -19.40 12.96 -5.45
CA GLY A 314 -19.15 13.10 -6.88
C GLY A 314 -17.71 13.51 -7.18
N TYR A 315 -16.89 13.73 -6.16
CA TYR A 315 -15.49 14.09 -6.44
C TYR A 315 -14.78 12.85 -6.95
N ARG A 316 -13.68 13.05 -7.68
CA ARG A 316 -12.94 11.89 -8.19
C ARG A 316 -11.44 11.95 -7.89
N PHE A 317 -10.95 13.07 -7.38
CA PHE A 317 -9.53 13.21 -7.01
C PHE A 317 -9.38 13.69 -5.61
N VAL A 318 -8.27 13.31 -4.98
CA VAL A 318 -8.01 13.72 -3.61
C VAL A 318 -7.95 15.26 -3.47
N HIS A 319 -7.32 15.95 -4.42
CA HIS A 319 -7.23 17.40 -4.29
C HIS A 319 -8.57 18.09 -4.34
N GLU A 320 -9.56 17.46 -4.98
CA GLU A 320 -10.92 18.04 -5.06
C GLU A 320 -11.53 18.06 -3.67
N THR A 321 -11.33 17.00 -2.90
CA THR A 321 -11.86 17.01 -1.54
C THR A 321 -11.15 18.08 -0.72
N MSE A 322 -9.88 18.35 -1.01
CA MSE A 322 -9.17 19.36 -0.25
C MSE A 322 -9.61 20.76 -0.66
O MSE A 322 -9.27 21.72 0.07
CB MSE A 322 -7.65 19.22 -0.41
CG MSE A 322 -7.09 17.95 0.19
SE MSE A 322 -7.30 17.86 2.18
CE MSE A 322 -8.81 16.95 2.18
N ASN A 323 -10.31 20.88 -1.80
CA ASN A 323 -10.81 22.20 -2.23
C ASN A 323 -12.22 22.43 -1.64
N ASP A 324 -12.70 21.46 -0.85
CA ASP A 324 -14.01 21.58 -0.18
C ASP A 324 -13.70 21.84 1.30
N PRO A 325 -13.97 23.07 1.79
CA PRO A 325 -13.65 23.31 3.19
C PRO A 325 -14.31 22.43 4.22
N LEU A 326 -15.46 21.83 3.89
CA LEU A 326 -16.10 20.96 4.88
C LEU A 326 -15.29 19.69 4.99
N PHE A 327 -14.71 19.21 3.88
CA PHE A 327 -13.88 17.99 3.96
C PHE A 327 -12.59 18.26 4.73
N VAL A 328 -11.97 19.43 4.49
CA VAL A 328 -10.74 19.77 5.21
C VAL A 328 -11.02 19.86 6.69
N ALA A 329 -12.12 20.52 7.06
CA ALA A 329 -12.47 20.64 8.50
C ALA A 329 -12.74 19.27 9.14
N TYR A 330 -13.43 18.42 8.40
CA TYR A 330 -13.69 17.06 8.88
C TYR A 330 -12.40 16.27 9.09
N MSE A 331 -11.49 16.30 8.11
CA MSE A 331 -10.18 15.60 8.25
C MSE A 331 -9.40 16.14 9.46
O MSE A 331 -8.82 15.37 10.26
CB MSE A 331 -9.31 15.81 7.00
CG MSE A 331 -7.81 15.43 7.16
SE MSE A 331 -6.98 15.69 5.37
CE MSE A 331 -5.12 15.35 5.87
N ARG A 332 -9.38 17.47 9.63
CA ARG A 332 -8.66 18.02 10.77
C ARG A 332 -9.27 17.58 12.10
N ALA A 333 -10.60 17.55 12.15
CA ALA A 333 -11.26 17.12 13.39
C ALA A 333 -10.95 15.64 13.67
N TYR A 334 -11.03 14.81 12.63
CA TYR A 334 -10.71 13.40 12.80
C TYR A 334 -9.26 13.23 13.28
N MSE A 335 -8.32 13.91 12.62
CA MSE A 335 -6.89 13.81 13.00
C MSE A 335 -6.63 14.36 14.42
O MSE A 335 -5.97 13.73 15.24
CB MSE A 335 -5.99 14.59 12.03
CG MSE A 335 -5.90 13.97 10.67
SE MSE A 335 -4.41 14.73 9.65
CE MSE A 335 -4.97 16.59 9.60
N ASP A 336 -7.17 15.55 14.69
CA ASP A 336 -6.91 16.19 15.98
C ASP A 336 -7.62 15.59 17.17
N LEU A 337 -8.89 15.24 17.01
CA LEU A 337 -9.66 14.76 18.16
C LEU A 337 -9.75 13.26 18.33
N ASP A 338 -9.67 12.52 17.21
CA ASP A 338 -9.84 11.08 17.31
C ASP A 338 -8.54 10.30 17.28
N VAL A 339 -7.66 10.64 16.34
CA VAL A 339 -6.41 9.90 16.21
C VAL A 339 -5.26 10.37 17.10
N THR A 340 -4.99 11.67 17.09
CA THR A 340 -3.83 12.21 17.82
C THR A 340 -3.67 11.75 19.26
N PRO A 341 -4.74 11.79 20.06
CA PRO A 341 -4.60 11.37 21.47
C PRO A 341 -4.19 9.91 21.64
N ASN A 342 -4.32 9.12 20.57
CA ASN A 342 -4.02 7.69 20.67
C ASN A 342 -2.58 7.34 20.31
N LEU A 343 -1.85 8.30 19.77
CA LEU A 343 -0.51 8.05 19.25
C LEU A 343 0.61 7.96 20.26
N ALA A 344 1.47 6.96 20.04
CA ALA A 344 2.67 6.76 20.85
C ALA A 344 3.60 7.91 20.48
N PRO A 345 4.55 8.20 21.37
CA PRO A 345 5.50 9.28 21.14
C PRO A 345 6.30 9.03 19.86
N VAL A 346 6.59 10.12 19.15
CA VAL A 346 7.37 10.04 17.92
C VAL A 346 8.56 11.01 17.99
N PRO A 347 9.68 10.55 18.58
CA PRO A 347 10.87 11.42 18.69
C PRO A 347 11.27 12.13 17.39
N GLY A 348 11.50 13.44 17.47
CA GLY A 348 11.93 14.20 16.31
C GLY A 348 10.81 14.68 15.39
N ILE A 349 9.57 14.42 15.77
CA ILE A 349 8.48 14.84 14.94
C ILE A 349 7.54 15.69 15.74
N ASP A 350 7.14 16.82 15.17
CA ASP A 350 6.16 17.65 15.83
C ASP A 350 4.82 17.23 15.16
N LEU A 351 3.91 16.63 15.91
CA LEU A 351 2.63 16.18 15.27
C LEU A 351 1.78 17.27 14.62
N THR A 352 1.72 18.44 15.24
CA THR A 352 0.94 19.50 14.65
C THR A 352 1.47 19.86 13.27
N ASP A 353 2.78 20.01 13.14
CA ASP A 353 3.36 20.34 11.84
C ASP A 353 3.17 19.16 10.89
N TYR A 354 3.34 17.94 11.38
CA TYR A 354 3.15 16.77 10.51
C TYR A 354 1.73 16.73 9.92
N LYS A 355 0.71 16.95 10.76
CA LYS A 355 -0.67 16.95 10.27
C LYS A 355 -0.88 18.05 9.23
N GLN A 356 -0.25 19.21 9.43
CA GLN A 356 -0.36 20.23 8.40
C GLN A 356 0.30 19.77 7.08
N THR A 357 1.43 19.07 7.14
CA THR A 357 2.03 18.62 5.89
C THR A 357 1.10 17.61 5.17
N LEU A 358 0.26 16.87 5.92
CA LEU A 358 -0.64 15.93 5.24
C LEU A 358 -1.68 16.74 4.49
N VAL A 359 -2.18 17.80 5.11
CA VAL A 359 -3.14 18.63 4.41
C VAL A 359 -2.48 19.20 3.15
N ASP A 360 -1.24 19.67 3.28
CA ASP A 360 -0.52 20.25 2.13
C ASP A 360 -0.33 19.22 1.00
N ARG A 361 0.11 18.02 1.38
CA ARG A 361 0.33 16.97 0.37
C ARG A 361 -0.96 16.50 -0.30
N PHE A 362 -2.04 16.39 0.47
CA PHE A 362 -3.30 15.99 -0.17
C PHE A 362 -3.86 17.11 -1.04
N SER A 363 -3.44 18.36 -0.80
CA SER A 363 -3.91 19.52 -1.57
C SER A 363 -3.16 19.70 -2.88
N ASN A 364 -2.14 18.86 -3.09
CA ASN A 364 -1.34 18.88 -4.35
C ASN A 364 -2.32 18.70 -5.54
N GLN A 365 -2.49 19.75 -6.35
CA GLN A 365 -3.45 19.63 -7.44
C GLN A 365 -2.86 18.94 -8.66
N ALA A 366 -1.57 19.10 -8.86
CA ALA A 366 -0.94 18.53 -10.06
C ALA A 366 -0.92 17.02 -10.10
N ILE A 367 -0.79 16.38 -8.92
CA ILE A 367 -0.68 14.92 -8.84
C ILE A 367 -1.90 14.15 -9.30
N ALA A 368 -3.09 14.71 -9.09
CA ALA A 368 -4.30 14.05 -9.53
C ALA A 368 -4.43 12.58 -9.07
N ASP A 369 -4.38 12.40 -7.76
CA ASP A 369 -4.51 11.07 -7.17
C ASP A 369 -5.99 10.69 -7.12
N GLN A 370 -6.29 9.52 -7.62
CA GLN A 370 -7.68 9.09 -7.78
C GLN A 370 -8.42 8.58 -6.58
N LEU A 371 -9.62 9.11 -6.31
CA LEU A 371 -10.39 8.57 -5.23
C LEU A 371 -10.70 7.09 -5.52
N GLU A 372 -10.79 6.69 -6.79
CA GLU A 372 -11.04 5.27 -7.04
C GLU A 372 -9.88 4.39 -6.48
N ARG A 373 -8.66 4.93 -6.54
CA ARG A 373 -7.51 4.22 -5.98
C ARG A 373 -7.63 4.23 -4.46
N VAL A 374 -7.82 5.41 -3.90
CA VAL A 374 -7.91 5.51 -2.43
C VAL A 374 -9.07 4.69 -1.84
N CYS A 375 -10.18 4.59 -2.60
CA CYS A 375 -11.34 3.82 -2.15
C CYS A 375 -11.10 2.33 -2.26
N SER A 376 -10.22 1.93 -3.18
CA SER A 376 -10.08 0.51 -3.42
C SER A 376 -9.72 -0.36 -2.23
N ASP A 377 -10.31 -1.54 -2.19
CA ASP A 377 -9.99 -2.53 -1.18
C ASP A 377 -10.27 -2.07 0.27
N GLY A 378 -11.41 -1.41 0.44
CA GLY A 378 -11.79 -0.98 1.78
C GLY A 378 -11.93 -2.20 2.70
N SER A 379 -12.37 -3.34 2.15
CA SER A 379 -12.50 -4.54 3.01
C SER A 379 -11.17 -4.91 3.68
N SER A 380 -10.05 -4.66 3.01
CA SER A 380 -8.75 -4.96 3.64
C SER A 380 -8.17 -3.74 4.38
N LYS A 381 -8.53 -2.54 3.93
CA LYS A 381 -7.98 -1.33 4.51
C LYS A 381 -8.61 -0.90 5.84
N PHE A 382 -9.93 -1.07 5.98
CA PHE A 382 -10.54 -0.68 7.24
C PHE A 382 -9.87 -1.21 8.51
N PRO A 383 -9.57 -2.52 8.62
CA PRO A 383 -8.94 -3.05 9.85
C PRO A 383 -7.54 -2.53 10.10
N LYS A 384 -6.87 -2.01 9.06
CA LYS A 384 -5.55 -1.44 9.24
C LYS A 384 -5.56 0.05 9.54
N PHE A 385 -6.42 0.78 8.83
CA PHE A 385 -6.41 2.24 8.89
C PHE A 385 -7.35 2.94 9.82
N THR A 386 -8.49 2.30 10.10
CA THR A 386 -9.59 2.97 10.82
C THR A 386 -10.12 2.24 12.05
N VAL A 387 -10.28 0.92 11.93
CA VAL A 387 -10.79 0.19 13.07
C VAL A 387 -9.95 0.34 14.35
N PRO A 388 -8.60 0.38 14.25
CA PRO A 388 -7.82 0.53 15.52
C PRO A 388 -8.21 1.82 16.27
N THR A 389 -8.40 2.87 15.48
CA THR A 389 -8.82 4.16 16.05
C THR A 389 -10.22 4.01 16.64
N ILE A 390 -11.17 3.44 15.89
CA ILE A 390 -12.53 3.24 16.40
C ILE A 390 -12.51 2.45 17.70
N ASN A 391 -11.75 1.36 17.72
CA ASN A 391 -11.73 0.53 18.95
C ASN A 391 -11.26 1.33 20.16
N ARG A 392 -10.29 2.19 19.95
CA ARG A 392 -9.78 2.98 21.05
C ARG A 392 -10.88 3.97 21.50
N LEU A 393 -11.60 4.55 20.56
CA LEU A 393 -12.66 5.48 20.96
C LEU A 393 -13.74 4.74 21.75
N ILE A 394 -14.06 3.52 21.34
CA ILE A 394 -15.06 2.73 22.03
C ILE A 394 -14.55 2.41 23.45
N ALA A 395 -13.32 1.93 23.55
CA ALA A 395 -12.75 1.60 24.88
C ALA A 395 -12.67 2.79 25.81
N ASP A 396 -12.40 3.97 25.26
CA ASP A 396 -12.26 5.15 26.10
C ASP A 396 -13.60 5.83 26.40
N GLY A 397 -14.66 5.42 25.73
CA GLY A 397 -15.95 6.05 25.92
C GLY A 397 -15.94 7.42 25.27
N ARG A 398 -15.10 7.61 24.24
CA ARG A 398 -15.01 8.90 23.51
C ARG A 398 -16.00 8.93 22.33
N GLU A 399 -16.25 10.11 21.80
CA GLU A 399 -17.23 10.30 20.70
C GLU A 399 -16.83 9.47 19.48
N THR A 400 -17.72 8.64 18.95
CA THR A 400 -17.34 7.84 17.76
C THR A 400 -17.94 8.35 16.45
N GLU A 401 -18.75 9.40 16.53
CA GLU A 401 -19.47 9.87 15.36
C GLU A 401 -18.66 10.16 14.11
N ARG A 402 -17.54 10.86 14.24
CA ARG A 402 -16.75 11.15 13.04
C ARG A 402 -16.20 9.87 12.45
N ALA A 403 -15.76 8.93 13.29
CA ALA A 403 -15.20 7.68 12.75
C ALA A 403 -16.30 6.79 12.19
N ALA A 404 -17.47 6.83 12.85
CA ALA A 404 -18.60 6.04 12.37
C ALA A 404 -19.03 6.52 11.00
N LEU A 405 -18.88 7.80 10.74
CA LEU A 405 -19.28 8.35 9.43
C LEU A 405 -18.43 7.73 8.32
N VAL A 406 -17.15 7.43 8.59
CA VAL A 406 -16.31 6.80 7.56
C VAL A 406 -16.92 5.44 7.16
N VAL A 407 -17.34 4.66 8.16
CA VAL A 407 -17.91 3.34 7.93
C VAL A 407 -19.29 3.45 7.24
N ALA A 408 -20.10 4.42 7.68
CA ALA A 408 -21.40 4.65 7.08
C ALA A 408 -21.21 5.08 5.60
N ALA A 409 -20.21 5.92 5.35
CA ALA A 409 -19.94 6.40 3.98
C ALA A 409 -19.59 5.21 3.10
N TRP A 410 -18.73 4.32 3.62
CA TRP A 410 -18.37 3.11 2.85
C TRP A 410 -19.63 2.28 2.56
N ALA A 411 -20.50 2.13 3.57
CA ALA A 411 -21.70 1.33 3.39
C ALA A 411 -22.58 1.86 2.26
N LEU A 412 -22.76 3.18 2.25
CA LEU A 412 -23.62 3.78 1.21
C LEU A 412 -22.90 3.72 -0.13
N TYR A 413 -21.60 3.96 -0.10
CA TYR A 413 -20.77 3.93 -1.31
C TYR A 413 -20.86 2.54 -1.99
N LEU A 414 -20.96 1.48 -1.21
CA LEU A 414 -21.05 0.11 -1.77
C LEU A 414 -22.30 -0.11 -2.65
N LYS A 415 -23.29 0.78 -2.56
CA LYS A 415 -24.47 0.58 -3.39
C LYS A 415 -24.16 0.93 -4.85
N GLY A 416 -23.01 1.59 -5.10
CA GLY A 416 -22.60 1.84 -6.49
C GLY A 416 -23.16 3.00 -7.30
N VAL A 417 -23.68 4.04 -6.66
CA VAL A 417 -24.20 5.21 -7.38
C VAL A 417 -23.93 6.44 -6.54
N ASP A 418 -23.38 7.48 -7.14
CA ASP A 418 -23.08 8.68 -6.35
C ASP A 418 -24.21 9.69 -6.36
N GLU A 419 -24.01 10.83 -5.70
CA GLU A 419 -25.08 11.81 -5.62
C GLU A 419 -25.42 12.47 -6.96
N ASN A 420 -24.51 12.36 -7.92
CA ASN A 420 -24.79 12.95 -9.25
C ASN A 420 -25.43 11.91 -10.18
N GLY A 421 -25.68 10.70 -9.68
CA GLY A 421 -26.25 9.66 -10.53
C GLY A 421 -25.23 8.86 -11.31
N VAL A 422 -23.95 9.02 -10.99
CA VAL A 422 -22.92 8.31 -11.74
C VAL A 422 -22.72 6.97 -11.06
N SER A 423 -22.84 5.91 -11.86
CA SER A 423 -22.71 4.53 -11.38
C SER A 423 -21.28 4.03 -11.51
N TYR A 424 -20.85 3.24 -10.54
CA TYR A 424 -19.51 2.68 -10.58
C TYR A 424 -19.47 1.27 -10.06
N THR A 425 -18.40 0.58 -10.48
CA THR A 425 -18.15 -0.77 -10.05
C THR A 425 -17.34 -0.54 -8.76
N ILE A 426 -17.28 -1.55 -7.91
CA ILE A 426 -16.53 -1.46 -6.64
C ILE A 426 -15.17 -2.15 -6.78
N PRO A 427 -14.07 -1.40 -6.68
CA PRO A 427 -12.76 -2.05 -6.82
C PRO A 427 -12.30 -2.67 -5.48
N ASP A 428 -12.82 -3.84 -5.17
CA ASP A 428 -12.51 -4.52 -3.92
C ASP A 428 -12.45 -5.99 -4.23
N PRO A 429 -11.46 -6.70 -3.68
CA PRO A 429 -11.36 -8.14 -3.95
C PRO A 429 -12.56 -8.90 -3.42
N ARG A 430 -13.33 -8.30 -2.51
CA ARG A 430 -14.51 -8.96 -1.99
C ARG A 430 -15.73 -8.13 -2.34
N ALA A 431 -15.71 -7.53 -3.53
CA ALA A 431 -16.81 -6.64 -3.93
C ALA A 431 -18.19 -7.29 -3.84
N GLU A 432 -18.34 -8.44 -4.47
CA GLU A 432 -19.64 -9.11 -4.49
C GLU A 432 -20.14 -9.33 -3.06
N PHE A 433 -19.28 -9.89 -2.22
CA PHE A 433 -19.59 -10.10 -0.82
C PHE A 433 -19.99 -8.79 -0.12
N CYS A 434 -19.21 -7.72 -0.28
CA CYS A 434 -19.55 -6.47 0.41
C CYS A 434 -20.84 -5.82 -0.10
N GLN A 435 -21.07 -5.82 -1.42
CA GLN A 435 -22.30 -5.25 -1.93
C GLN A 435 -23.50 -6.02 -1.38
N GLY A 436 -23.31 -7.32 -1.19
CA GLY A 436 -24.37 -8.15 -0.64
C GLY A 436 -24.82 -7.68 0.74
N LEU A 437 -23.86 -7.27 1.57
CA LEU A 437 -24.14 -6.81 2.94
C LEU A 437 -25.02 -5.55 2.98
N VAL A 438 -25.07 -4.79 1.89
CA VAL A 438 -25.89 -3.58 1.91
C VAL A 438 -27.11 -3.60 0.99
N SER A 439 -27.58 -4.80 0.66
CA SER A 439 -28.75 -4.94 -0.19
C SER A 439 -30.07 -4.53 0.50
N ASP A 440 -30.09 -4.54 1.83
CA ASP A 440 -31.29 -4.19 2.60
C ASP A 440 -30.88 -3.11 3.62
N ASP A 441 -31.35 -1.87 3.43
CA ASP A 441 -31.00 -0.78 4.34
C ASP A 441 -31.25 -1.11 5.80
N ALA A 442 -32.40 -1.74 6.07
CA ALA A 442 -32.75 -2.06 7.45
C ALA A 442 -31.82 -3.08 8.11
N LEU A 443 -31.13 -3.87 7.29
CA LEU A 443 -30.27 -4.89 7.84
C LEU A 443 -28.77 -4.60 7.72
N ILE A 444 -28.41 -3.42 7.25
CA ILE A 444 -27.00 -3.08 7.06
C ILE A 444 -26.19 -3.13 8.36
N SER A 445 -26.70 -2.55 9.44
CA SER A 445 -25.87 -2.55 10.64
C SER A 445 -25.70 -3.97 11.15
N GLN A 446 -26.72 -4.80 11.03
CA GLN A 446 -26.59 -6.17 11.52
C GLN A 446 -25.67 -7.04 10.66
N ARG A 447 -25.65 -6.79 9.35
CA ARG A 447 -24.83 -7.60 8.46
C ARG A 447 -23.42 -7.07 8.23
N LEU A 448 -23.33 -5.80 7.85
CA LEU A 448 -22.03 -5.22 7.54
C LEU A 448 -21.11 -5.14 8.74
N LEU A 449 -21.63 -4.71 9.89
CA LEU A 449 -20.77 -4.58 11.06
C LEU A 449 -20.37 -5.89 11.72
N ALA A 450 -21.03 -6.99 11.33
CA ALA A 450 -20.75 -8.32 11.85
C ALA A 450 -19.62 -9.11 11.12
N VAL A 451 -18.97 -8.49 10.13
CA VAL A 451 -17.87 -9.19 9.43
C VAL A 451 -16.61 -9.00 10.28
N GLU A 452 -16.29 -10.03 11.05
CA GLU A 452 -15.19 -9.95 12.00
C GLU A 452 -13.81 -9.66 11.43
N GLU A 453 -13.49 -10.19 10.24
CA GLU A 453 -12.17 -9.94 9.69
C GLU A 453 -12.04 -8.52 9.11
N ILE A 454 -13.14 -7.75 9.15
CA ILE A 454 -13.08 -6.36 8.69
C ILE A 454 -13.22 -5.45 9.91
N PHE A 455 -14.25 -5.69 10.73
CA PHE A 455 -14.50 -4.76 11.84
C PHE A 455 -14.20 -5.18 13.25
N GLY A 456 -13.77 -6.41 13.45
CA GLY A 456 -13.45 -6.84 14.80
C GLY A 456 -14.66 -7.08 15.68
N THR A 457 -14.43 -7.21 17.00
CA THR A 457 -15.53 -7.55 17.89
C THR A 457 -16.05 -6.45 18.80
N ALA A 458 -15.37 -5.31 18.87
CA ALA A 458 -15.83 -4.19 19.69
C ALA A 458 -16.95 -3.44 18.99
N ILE A 459 -16.72 -3.09 17.72
CA ILE A 459 -17.71 -2.36 16.91
C ILE A 459 -19.14 -2.94 16.92
N PRO A 460 -19.31 -4.23 16.56
CA PRO A 460 -20.68 -4.80 16.57
C PRO A 460 -21.31 -4.90 17.95
N ASN A 461 -20.49 -4.90 18.99
CA ASN A 461 -21.00 -5.02 20.34
C ASN A 461 -21.10 -3.70 21.08
N SER A 462 -20.86 -2.61 20.34
CA SER A 462 -20.92 -1.27 20.91
C SER A 462 -22.23 -0.55 20.56
N PRO A 463 -23.15 -0.41 21.53
CA PRO A 463 -24.42 0.28 21.24
C PRO A 463 -24.18 1.70 20.77
N GLU A 464 -23.20 2.37 21.39
CA GLU A 464 -22.85 3.73 21.04
C GLU A 464 -22.40 3.81 19.56
N PHE A 465 -21.52 2.91 19.17
CA PHE A 465 -21.01 2.99 17.81
C PHE A 465 -22.09 2.61 16.81
N VAL A 466 -22.83 1.55 17.11
CA VAL A 466 -23.88 1.14 16.18
C VAL A 466 -24.91 2.27 15.97
N ALA A 467 -25.28 2.99 17.03
CA ALA A 467 -26.26 4.08 16.90
C ALA A 467 -25.69 5.21 16.02
N ALA A 468 -24.41 5.51 16.22
CA ALA A 468 -23.75 6.56 15.45
C ALA A 468 -23.69 6.14 13.97
N PHE A 469 -23.35 4.89 13.72
CA PHE A 469 -23.30 4.37 12.35
C PHE A 469 -24.65 4.48 11.69
N GLU A 470 -25.72 4.09 12.40
CA GLU A 470 -27.03 4.15 11.81
C GLU A 470 -27.50 5.59 11.53
N ARG A 471 -27.21 6.53 12.45
CA ARG A 471 -27.55 7.97 12.28
C ARG A 471 -26.83 8.49 11.02
N CYS A 472 -25.55 8.20 10.96
CA CYS A 472 -24.72 8.65 9.82
C CYS A 472 -25.21 8.10 8.51
N TYR A 473 -25.46 6.80 8.46
CA TYR A 473 -25.93 6.20 7.20
C TYR A 473 -27.27 6.83 6.73
N GLY A 474 -28.23 6.93 7.65
CA GLY A 474 -29.50 7.53 7.27
C GLY A 474 -29.34 8.97 6.81
N SER A 475 -28.47 9.73 7.47
CA SER A 475 -28.30 11.12 7.09
C SER A 475 -27.64 11.19 5.70
N LEU A 476 -26.61 10.38 5.48
CA LEU A 476 -25.99 10.40 4.17
C LEU A 476 -27.02 10.09 3.05
N ARG A 477 -27.84 9.10 3.26
CA ARG A 477 -28.84 8.68 2.26
C ARG A 477 -29.89 9.75 2.02
N ASP A 478 -30.46 10.26 3.10
CA ASP A 478 -31.53 11.24 3.00
C ASP A 478 -31.14 12.70 2.77
N ASN A 479 -30.10 13.15 3.47
CA ASN A 479 -29.67 14.56 3.38
C ASN A 479 -28.45 14.83 2.55
N GLY A 480 -27.73 13.78 2.15
CA GLY A 480 -26.52 14.00 1.39
C GLY A 480 -25.25 14.24 2.23
N VAL A 481 -24.11 14.04 1.58
CA VAL A 481 -22.81 14.23 2.22
C VAL A 481 -22.62 15.65 2.79
N THR A 482 -22.90 16.68 1.99
CA THR A 482 -22.66 18.04 2.43
C THR A 482 -23.43 18.42 3.68
N THR A 483 -24.72 18.16 3.67
CA THR A 483 -25.53 18.50 4.84
C THR A 483 -25.11 17.67 6.05
N THR A 484 -24.79 16.40 5.83
CA THR A 484 -24.37 15.54 6.95
C THR A 484 -23.09 16.11 7.59
N LEU A 485 -22.11 16.51 6.77
CA LEU A 485 -20.87 17.07 7.30
C LEU A 485 -21.17 18.37 8.03
N LYS A 486 -21.99 19.23 7.45
CA LYS A 486 -22.30 20.47 8.17
C LYS A 486 -22.86 20.17 9.54
N HIS A 487 -23.83 19.26 9.62
CA HIS A 487 -24.38 18.98 10.96
C HIS A 487 -23.33 18.44 11.92
N LEU A 488 -22.51 17.51 11.42
CA LEU A 488 -21.50 16.89 12.25
C LEU A 488 -20.48 17.86 12.80
N LEU A 489 -20.04 18.79 11.95
CA LEU A 489 -19.01 19.73 12.32
C LEU A 489 -19.45 20.71 13.40
N LYS A 490 -20.72 20.64 13.76
CA LYS A 490 -21.26 21.50 14.82
C LYS A 490 -21.44 20.78 16.17
N LYS A 491 -21.20 19.47 16.21
CA LYS A 491 -21.28 18.72 17.47
C LYS A 491 -20.10 19.18 18.34
N PRO A 492 -20.26 19.16 19.69
CA PRO A 492 -19.18 19.59 20.60
C PRO A 492 -17.90 18.75 20.52
PA NAD B . -0.86 -1.43 -7.58
O1A NAD B . -2.26 -1.71 -7.76
O2A NAD B . -0.07 -0.62 -8.56
O5B NAD B . -0.04 -2.78 -7.43
C5B NAD B . -0.44 -3.76 -6.43
C4B NAD B . 0.53 -4.92 -6.76
O4B NAD B . 0.28 -5.99 -5.76
C3B NAD B . 0.28 -5.67 -8.11
O3B NAD B . 1.57 -6.07 -8.61
C2B NAD B . -0.62 -6.84 -7.70
O2B NAD B . -0.58 -7.92 -8.63
C1B NAD B . 0.03 -7.24 -6.39
N9A NAD B . -0.79 -8.02 -5.50
C8A NAD B . -2.08 -7.83 -5.07
N7A NAD B . -2.46 -8.75 -4.22
C5A NAD B . -1.35 -9.58 -4.10
C6A NAD B . -1.18 -10.72 -3.31
N6A NAD B . -2.08 -11.24 -2.48
N1A NAD B . 0.04 -11.38 -3.39
C2A NAD B . 1.06 -10.93 -4.22
N3A NAD B . 0.92 -9.78 -5.00
C4A NAD B . -0.33 -9.14 -4.89
O3 NAD B . -0.73 -0.78 -6.15
PN NAD B . 0.36 0.22 -5.51
O1N NAD B . -0.11 1.59 -5.67
O2N NAD B . 1.66 -0.14 -6.09
O5D NAD B . 0.26 -0.11 -3.97
C5D NAD B . 0.69 -1.40 -3.54
C4D NAD B . 0.86 -1.30 -2.09
O4D NAD B . 1.99 -0.49 -1.69
C3D NAD B . -0.35 -0.78 -1.23
O3D NAD B . -1.36 -1.78 -1.07
C2D NAD B . 0.32 -0.29 0.04
O2D NAD B . 0.45 -1.34 1.00
C1D NAD B . 1.69 0.22 -0.45
N1N NAD B . 1.77 1.68 -0.66
C2N NAD B . 1.18 2.39 -1.72
C3N NAD B . 1.25 3.75 -1.72
C7N NAD B . 0.59 4.53 -2.85
O7N NAD B . 0.50 5.76 -2.72
N7N NAD B . 0.07 3.92 -3.90
C4N NAD B . 1.91 4.47 -0.61
C5N NAD B . 2.53 3.71 0.44
C6N NAD B . 2.46 2.29 0.45
#